data_8K0J
#
_entry.id   8K0J
#
_cell.length_a   100.516
_cell.length_b   100.516
_cell.length_c   54.669
_cell.angle_alpha   90.00
_cell.angle_beta   90.00
_cell.angle_gamma   120.00
#
_symmetry.space_group_name_H-M   'P 61'
#
loop_
_entity.id
_entity.type
_entity.pdbx_description
1 polymer Csy3
2 water water
#
_entity_poly.entity_id   1
_entity_poly.type   'polypeptide(L)'
_entity_poly.pdbx_seq_one_letter_code
;MTKLKAPAVLAYSRKINPTNALMFAVNWSDRDNTTAVMVGTKTVAGTQSVRGNPNDADKGNIQTVNFANLPHNKNTLLVK
YNVKFVGDVFKAELGGGEYSNTLQTALENTDFGTLAYRYVYNIAAGRTLWRNRVGAESIETVITVNDQTFTFSDLLVNEF
DEDVDVAEIADMVAGVLSGEGFVTLKVEHYMLLGEGSEVFPSQEFVENSKLSKQLFDLNGQAAMHDQKIGNAIRTIDTWY
EDATTPIAVEPYGSVVRNGVAYRAGNKTDLFTLMDGAVNGKSLTEEDQMFVTANLIRGGVFGGGKD
;
_entity_poly.pdbx_strand_id   A
#
# COMPACT_ATOMS: atom_id res chain seq x y z
N THR A 2 -21.65 -5.26 -30.82
CA THR A 2 -22.13 -4.95 -29.49
C THR A 2 -21.96 -3.47 -29.17
N LYS A 3 -20.71 -3.06 -28.90
CA LYS A 3 -20.37 -1.67 -28.64
C LYS A 3 -21.11 -1.14 -27.40
N LEU A 4 -20.84 -1.78 -26.27
CA LEU A 4 -21.43 -1.43 -24.99
C LEU A 4 -20.45 -0.57 -24.19
N LYS A 5 -20.90 0.61 -23.76
CA LYS A 5 -20.05 1.53 -23.02
C LYS A 5 -20.47 1.57 -21.56
N ALA A 6 -19.54 2.03 -20.73
CA ALA A 6 -19.77 2.13 -19.30
C ALA A 6 -20.80 3.22 -18.99
N PRO A 7 -21.59 3.02 -17.92
CA PRO A 7 -22.54 4.06 -17.50
C PRO A 7 -21.82 5.35 -17.13
N ALA A 8 -22.58 6.43 -17.04
CA ALA A 8 -22.01 7.74 -16.76
C ALA A 8 -21.36 7.78 -15.37
N VAL A 9 -21.97 7.10 -14.41
CA VAL A 9 -21.50 7.12 -13.03
C VAL A 9 -21.27 5.67 -12.61
N LEU A 10 -20.07 5.15 -12.91
CA LEU A 10 -19.67 3.81 -12.55
C LEU A 10 -18.60 3.92 -11.47
N ALA A 11 -18.95 3.52 -10.25
CA ALA A 11 -18.06 3.64 -9.10
C ALA A 11 -18.00 2.33 -8.34
N TYR A 12 -16.81 2.00 -7.86
CA TYR A 12 -16.57 0.80 -7.07
C TYR A 12 -15.94 1.18 -5.74
N SER A 13 -16.42 0.54 -4.67
CA SER A 13 -15.89 0.79 -3.33
C SER A 13 -14.56 0.08 -3.16
N ARG A 14 -13.72 0.64 -2.30
CA ARG A 14 -12.43 0.03 -2.00
C ARG A 14 -12.63 -1.22 -1.16
N LYS A 15 -11.92 -2.30 -1.51
CA LYS A 15 -12.11 -3.59 -0.88
C LYS A 15 -10.97 -4.01 0.03
N ILE A 16 -9.82 -3.34 -0.04
CA ILE A 16 -8.71 -3.57 0.88
C ILE A 16 -8.63 -2.35 1.78
N ASN A 17 -8.97 -2.51 3.05
CA ASN A 17 -9.11 -1.39 3.99
C ASN A 17 -8.10 -1.55 5.11
N PRO A 18 -6.91 -0.98 4.98
CA PRO A 18 -6.00 -0.92 6.11
C PRO A 18 -6.36 0.21 7.05
N THR A 19 -6.14 -0.01 8.33
CA THR A 19 -6.20 1.11 9.27
C THR A 19 -4.93 1.95 9.12
N ASN A 20 -4.96 3.13 9.73
CA ASN A 20 -3.71 3.84 9.93
C ASN A 20 -2.78 3.00 10.80
N ALA A 21 -1.48 3.21 10.65
CA ALA A 21 -0.49 2.46 11.41
C ALA A 21 0.04 3.33 12.53
N LEU A 22 0.17 2.75 13.72
CA LEU A 22 0.75 3.44 14.86
C LEU A 22 2.19 2.98 15.06
N MET A 23 3.02 3.90 15.56
CA MET A 23 4.45 3.67 15.73
C MET A 23 4.79 3.69 17.22
N PHE A 24 5.36 2.60 17.71
CA PHE A 24 5.76 2.42 19.09
C PHE A 24 7.25 2.13 19.14
N ALA A 25 7.81 2.23 20.34
CA ALA A 25 9.20 1.86 20.57
C ALA A 25 9.25 0.74 21.59
N VAL A 26 9.99 -0.32 21.28
CA VAL A 26 10.17 -1.45 22.17
C VAL A 26 11.64 -1.85 22.14
N ASN A 27 12.01 -2.77 23.02
CA ASN A 27 13.28 -3.46 22.90
C ASN A 27 13.06 -4.77 22.14
N TRP A 28 14.08 -5.18 21.39
CA TRP A 28 13.93 -6.32 20.50
C TRP A 28 13.48 -7.58 21.23
N SER A 29 13.98 -7.80 22.45
CA SER A 29 13.64 -8.98 23.23
C SER A 29 12.64 -8.68 24.35
N ASP A 30 12.06 -7.48 24.38
CA ASP A 30 11.02 -7.12 25.34
C ASP A 30 9.92 -6.37 24.59
N ARG A 31 9.34 -7.04 23.59
CA ARG A 31 8.37 -6.41 22.70
C ARG A 31 7.04 -6.12 23.38
N ASP A 32 6.83 -6.62 24.61
CA ASP A 32 5.57 -6.35 25.29
C ASP A 32 5.54 -4.94 25.88
N ASN A 33 6.63 -4.50 26.49
CA ASN A 33 6.68 -3.18 27.12
C ASN A 33 6.87 -2.13 26.03
N THR A 34 5.75 -1.72 25.44
CA THR A 34 5.73 -0.74 24.37
C THR A 34 5.67 0.68 24.95
N THR A 35 6.11 1.63 24.14
CA THR A 35 5.95 3.04 24.47
C THR A 35 5.71 3.82 23.18
N ALA A 36 4.89 4.85 23.26
CA ALA A 36 4.45 5.57 22.08
C ALA A 36 5.55 6.49 21.57
N VAL A 37 5.74 6.49 20.25
CA VAL A 37 6.65 7.44 19.60
C VAL A 37 5.85 8.69 19.28
N MET A 38 6.32 9.83 19.78
CA MET A 38 5.59 11.09 19.67
C MET A 38 6.26 11.99 18.64
N VAL A 39 5.44 12.71 17.88
CA VAL A 39 5.94 13.67 16.92
C VAL A 39 6.27 14.97 17.65
N GLY A 40 7.52 15.42 17.54
CA GLY A 40 7.93 16.69 18.09
C GLY A 40 8.06 17.75 17.00
N THR A 41 8.34 18.97 17.46
CA THR A 41 8.52 20.12 16.58
C THR A 41 9.80 20.84 16.96
N LYS A 42 10.59 21.20 15.95
CA LYS A 42 11.85 21.88 16.19
C LYS A 42 12.10 22.89 15.08
N THR A 43 13.18 23.65 15.23
CA THR A 43 13.60 24.70 14.32
C THR A 43 14.96 24.35 13.74
N VAL A 44 15.13 24.57 12.44
CA VAL A 44 16.37 24.27 11.74
C VAL A 44 16.86 25.55 11.08
N ALA A 45 18.16 25.81 11.22
CA ALA A 45 18.79 26.97 10.59
C ALA A 45 19.38 26.58 9.24
N GLY A 46 19.03 27.34 8.23
CA GLY A 46 19.56 27.08 6.88
C GLY A 46 18.57 26.40 5.97
N THR A 47 18.74 26.54 4.66
CA THR A 47 17.92 25.80 3.68
C THR A 47 18.92 25.27 2.67
N GLN A 48 18.93 23.95 2.46
CA GLN A 48 19.93 23.35 1.55
C GLN A 48 19.99 24.19 0.28
N SER A 49 21.18 24.66 -0.08
CA SER A 49 21.33 25.48 -1.30
C SER A 49 20.94 24.64 -2.51
N VAL A 50 20.29 25.25 -3.50
CA VAL A 50 19.95 24.50 -4.74
C VAL A 50 20.67 25.15 -5.94
N ARG A 51 20.68 24.48 -7.09
CA ARG A 51 21.42 24.98 -8.29
C ARG A 51 21.19 26.48 -8.52
N GLY A 52 22.24 27.20 -8.86
CA GLY A 52 22.15 28.66 -9.05
C GLY A 52 21.81 29.29 -7.70
N ASN A 53 21.51 30.59 -7.71
CA ASN A 53 21.03 31.22 -6.48
C ASN A 53 21.92 30.87 -5.28
N PRO A 54 23.17 31.37 -5.19
CA PRO A 54 23.96 31.18 -3.99
C PRO A 54 23.29 31.96 -2.84
N ASN A 55 22.95 33.23 -3.09
CA ASN A 55 22.38 34.08 -2.01
C ASN A 55 20.89 34.34 -2.27
N ASP A 56 20.02 33.72 -1.46
CA ASP A 56 18.57 33.88 -1.63
C ASP A 56 17.98 34.61 -0.42
N ALA A 57 16.66 34.79 -0.38
CA ALA A 57 15.97 35.36 0.79
C ALA A 57 15.82 34.49 2.05
N ASP A 58 15.45 33.21 1.84
CA ASP A 58 15.09 32.17 2.78
C ASP A 58 16.25 31.23 3.10
N LYS A 59 17.46 31.53 2.62
CA LYS A 59 18.60 30.69 2.93
C LYS A 59 18.99 30.81 4.40
N GLY A 60 19.19 32.04 4.88
CA GLY A 60 19.46 32.25 6.28
C GLY A 60 18.20 32.38 7.12
N ASN A 61 17.17 31.62 6.74
CA ASN A 61 15.88 31.66 7.40
C ASN A 61 15.64 30.37 8.16
N ILE A 62 15.11 30.50 9.37
CA ILE A 62 14.76 29.33 10.17
C ILE A 62 13.53 28.66 9.57
N GLN A 63 13.47 27.34 9.68
CA GLN A 63 12.32 26.57 9.25
C GLN A 63 11.83 25.70 10.39
N THR A 64 10.51 25.56 10.52
CA THR A 64 9.90 24.76 11.57
C THR A 64 9.50 23.42 10.99
N VAL A 65 9.97 22.32 11.60
CA VAL A 65 9.76 20.98 11.07
C VAL A 65 9.31 20.05 12.19
N ASN A 66 8.53 19.05 11.80
CA ASN A 66 8.24 17.94 12.69
C ASN A 66 9.35 16.91 12.63
N PHE A 67 9.47 16.13 13.70
CA PHE A 67 10.44 15.05 13.75
C PHE A 67 9.91 13.95 14.65
N ALA A 68 10.52 12.77 14.53
CA ALA A 68 10.17 11.66 15.40
C ALA A 68 11.38 10.74 15.52
N ASN A 69 11.63 10.26 16.74
CA ASN A 69 12.76 9.38 17.02
C ASN A 69 12.34 8.31 18.02
N LEU A 70 13.07 7.20 18.01
CA LEU A 70 12.98 6.27 19.12
C LEU A 70 13.57 6.91 20.37
N PRO A 71 13.08 6.55 21.56
CA PRO A 71 13.76 6.97 22.78
C PRO A 71 15.14 6.34 22.87
N HIS A 72 15.97 6.90 23.74
CA HIS A 72 17.33 6.42 23.91
C HIS A 72 17.42 5.15 24.72
N ASN A 73 16.31 4.62 25.23
CA ASN A 73 16.32 3.35 25.96
C ASN A 73 15.55 2.25 25.23
N LYS A 74 15.14 2.47 23.99
CA LYS A 74 14.47 1.47 23.18
C LYS A 74 15.20 1.37 21.84
N ASN A 75 15.44 0.16 21.37
CA ASN A 75 16.24 -0.05 20.17
C ASN A 75 15.42 -0.46 18.94
N THR A 76 14.13 -0.76 19.10
CA THR A 76 13.31 -1.34 18.03
C THR A 76 12.08 -0.50 17.79
N LEU A 77 11.79 -0.24 16.51
CA LEU A 77 10.55 0.39 16.09
C LEU A 77 9.49 -0.68 15.86
N LEU A 78 8.29 -0.43 16.39
CA LEU A 78 7.11 -1.27 16.19
C LEU A 78 6.10 -0.50 15.35
N VAL A 79 5.62 -1.11 14.28
CA VAL A 79 4.59 -0.53 13.43
C VAL A 79 3.38 -1.46 13.44
N LYS A 80 2.25 -0.99 13.96
CA LYS A 80 1.06 -1.81 14.13
C LYS A 80 -0.08 -1.29 13.27
N TYR A 81 -0.72 -2.19 12.53
CA TYR A 81 -1.94 -1.85 11.81
C TYR A 81 -2.73 -3.11 11.53
N ASN A 82 -3.96 -2.93 11.04
CA ASN A 82 -4.80 -4.02 10.60
C ASN A 82 -5.24 -3.77 9.16
N VAL A 83 -5.57 -4.86 8.47
CA VAL A 83 -6.04 -4.80 7.09
C VAL A 83 -7.26 -5.69 6.96
N LYS A 84 -8.40 -5.11 6.58
CA LYS A 84 -9.63 -5.86 6.35
C LYS A 84 -9.84 -6.02 4.84
N PHE A 85 -9.85 -7.26 4.37
CA PHE A 85 -10.25 -7.58 3.02
C PHE A 85 -11.74 -7.86 3.00
N VAL A 86 -12.43 -7.28 2.01
CA VAL A 86 -13.88 -7.32 1.93
C VAL A 86 -14.27 -7.89 0.58
N GLY A 87 -15.30 -8.75 0.57
CA GLY A 87 -15.70 -9.45 -0.63
C GLY A 87 -16.63 -8.65 -1.51
N ASP A 88 -17.35 -9.37 -2.37
CA ASP A 88 -18.28 -8.78 -3.34
C ASP A 88 -17.57 -7.75 -4.22
N VAL A 89 -16.36 -8.09 -4.66
CA VAL A 89 -15.52 -7.13 -5.37
C VAL A 89 -16.09 -6.73 -6.72
N PHE A 90 -17.05 -7.50 -7.25
CA PHE A 90 -17.63 -7.21 -8.55
C PHE A 90 -18.95 -6.44 -8.47
N LYS A 91 -19.50 -6.27 -7.26
CA LYS A 91 -20.73 -5.51 -7.09
C LYS A 91 -20.39 -4.03 -7.08
N ALA A 92 -20.84 -3.30 -8.10
CA ALA A 92 -20.57 -1.88 -8.20
C ALA A 92 -21.33 -1.11 -7.12
N GLU A 93 -20.74 0.00 -6.69
CA GLU A 93 -21.38 0.85 -5.69
C GLU A 93 -22.42 1.75 -6.32
N LEU A 94 -22.08 2.39 -7.44
CA LEU A 94 -22.95 3.34 -8.11
C LEU A 94 -23.20 3.03 -9.57
N GLY A 95 -22.50 2.06 -10.15
CA GLY A 95 -22.74 1.69 -11.52
C GLY A 95 -24.11 1.08 -11.74
N GLY A 96 -24.48 0.97 -13.01
CA GLY A 96 -25.80 0.49 -13.37
C GLY A 96 -26.03 -0.96 -13.01
N GLY A 97 -25.69 -1.87 -13.91
CA GLY A 97 -25.88 -3.28 -13.67
C GLY A 97 -25.54 -4.13 -14.88
N GLU A 98 -26.15 -3.81 -16.02
CA GLU A 98 -25.90 -4.57 -17.25
C GLU A 98 -24.43 -4.54 -17.63
N TYR A 99 -23.86 -3.33 -17.76
CA TYR A 99 -22.46 -3.21 -18.10
C TYR A 99 -21.57 -3.86 -17.05
N SER A 100 -21.94 -3.73 -15.77
CA SER A 100 -21.13 -4.28 -14.69
C SER A 100 -21.34 -5.77 -14.46
N ASN A 101 -22.47 -6.32 -14.92
CA ASN A 101 -22.70 -7.75 -14.72
C ASN A 101 -21.95 -8.59 -15.74
N THR A 102 -21.92 -8.16 -17.01
CA THR A 102 -21.15 -8.90 -18.00
C THR A 102 -19.66 -8.73 -17.75
N LEU A 103 -19.24 -7.60 -17.20
CA LEU A 103 -17.86 -7.48 -16.75
C LEU A 103 -17.57 -8.46 -15.62
N GLN A 104 -18.53 -8.62 -14.71
CA GLN A 104 -18.37 -9.59 -13.62
C GLN A 104 -18.21 -11.01 -14.16
N THR A 105 -19.06 -11.41 -15.12
CA THR A 105 -18.93 -12.76 -15.66
C THR A 105 -17.72 -12.90 -16.58
N ALA A 106 -17.22 -11.80 -17.14
CA ALA A 106 -16.01 -11.86 -17.96
C ALA A 106 -14.75 -11.98 -17.12
N LEU A 107 -14.75 -11.42 -15.91
CA LEU A 107 -13.62 -11.52 -15.00
C LEU A 107 -13.80 -12.61 -13.95
N GLU A 108 -14.68 -13.58 -14.19
CA GLU A 108 -14.96 -14.62 -13.21
C GLU A 108 -13.90 -15.71 -13.20
N ASN A 109 -13.00 -15.74 -14.18
CA ASN A 109 -11.89 -16.69 -14.19
C ASN A 109 -10.59 -16.07 -13.69
N THR A 110 -10.68 -14.91 -13.03
CA THR A 110 -9.48 -14.23 -12.56
C THR A 110 -8.73 -15.09 -11.55
N ASP A 111 -7.41 -15.14 -11.69
CA ASP A 111 -6.55 -15.88 -10.77
C ASP A 111 -6.50 -15.12 -9.44
N PHE A 112 -7.57 -15.28 -8.66
CA PHE A 112 -7.65 -14.63 -7.35
C PHE A 112 -6.55 -15.12 -6.41
N GLY A 113 -6.12 -16.38 -6.57
CA GLY A 113 -5.06 -16.89 -5.73
C GLY A 113 -3.78 -16.08 -5.84
N THR A 114 -3.41 -15.70 -7.06
CA THR A 114 -2.19 -14.94 -7.25
C THR A 114 -2.32 -13.52 -6.72
N LEU A 115 -3.47 -12.87 -6.98
CA LEU A 115 -3.70 -11.54 -6.44
C LEU A 115 -3.58 -11.54 -4.92
N ALA A 116 -4.25 -12.50 -4.26
CA ALA A 116 -4.19 -12.58 -2.81
C ALA A 116 -2.77 -12.86 -2.34
N TYR A 117 -2.06 -13.77 -3.03
CA TYR A 117 -0.69 -14.06 -2.64
C TYR A 117 0.19 -12.81 -2.71
N ARG A 118 0.00 -12.00 -3.76
CA ARG A 118 0.84 -10.81 -3.91
C ARG A 118 0.50 -9.76 -2.87
N TYR A 119 -0.79 -9.54 -2.60
CA TYR A 119 -1.19 -8.63 -1.53
C TYR A 119 -0.58 -9.05 -0.19
N VAL A 120 -0.81 -10.31 0.19
CA VAL A 120 -0.32 -10.80 1.47
C VAL A 120 1.19 -10.76 1.52
N TYR A 121 1.86 -11.07 0.40
CA TYR A 121 3.32 -11.02 0.35
C TYR A 121 3.82 -9.59 0.58
N ASN A 122 3.18 -8.62 -0.05
CA ASN A 122 3.55 -7.23 0.17
C ASN A 122 3.45 -6.88 1.65
N ILE A 123 2.39 -7.36 2.31
CA ILE A 123 2.29 -7.13 3.76
C ILE A 123 3.43 -7.82 4.50
N ALA A 124 3.65 -9.11 4.20
CA ALA A 124 4.58 -9.92 4.97
C ALA A 124 6.04 -9.53 4.71
N ALA A 125 6.35 -9.06 3.50
CA ALA A 125 7.69 -8.57 3.21
C ALA A 125 7.95 -7.17 3.75
N GLY A 126 6.92 -6.48 4.26
CA GLY A 126 7.11 -5.17 4.86
C GLY A 126 7.50 -4.10 3.87
N ARG A 127 6.79 -4.02 2.74
CA ARG A 127 7.07 -2.97 1.76
C ARG A 127 6.78 -1.59 2.34
N THR A 128 5.63 -1.45 3.03
CA THR A 128 5.20 -0.17 3.55
C THR A 128 6.17 0.44 4.55
N LEU A 129 7.10 -0.33 5.09
CA LEU A 129 8.11 0.19 5.95
C LEU A 129 9.05 1.18 5.29
N TRP A 130 9.43 0.99 4.04
CA TRP A 130 10.12 2.01 3.24
C TRP A 130 11.39 2.56 3.87
N ARG A 131 11.42 3.83 4.14
CA ARG A 131 12.55 4.47 4.74
C ARG A 131 12.89 3.93 6.10
N ASN A 132 11.95 3.33 6.77
CA ASN A 132 12.26 2.77 8.08
C ASN A 132 13.06 1.48 7.99
N ARG A 133 13.30 0.95 6.79
CA ARG A 133 14.11 -0.26 6.64
C ARG A 133 15.60 0.04 6.56
N VAL A 134 15.97 1.29 6.28
CA VAL A 134 17.38 1.64 6.09
C VAL A 134 18.11 1.56 7.41
N GLY A 135 19.24 0.85 7.43
CA GLY A 135 20.03 0.75 8.63
C GLY A 135 19.40 -0.11 9.72
N ALA A 136 18.53 -1.03 9.35
CA ALA A 136 17.94 -1.96 10.31
C ALA A 136 18.77 -3.22 10.38
N GLU A 137 19.11 -3.65 11.59
CA GLU A 137 19.85 -4.90 11.75
C GLU A 137 18.97 -6.10 11.45
N SER A 138 17.68 -6.02 11.75
CA SER A 138 16.77 -7.11 11.43
C SER A 138 15.35 -6.58 11.39
N ILE A 139 14.53 -7.19 10.54
CA ILE A 139 13.13 -6.84 10.37
C ILE A 139 12.31 -8.12 10.51
N GLU A 140 11.29 -8.07 11.36
CA GLU A 140 10.42 -9.23 11.59
C GLU A 140 8.97 -8.78 11.52
N THR A 141 8.14 -9.57 10.83
CA THR A 141 6.72 -9.24 10.67
C THR A 141 5.87 -10.36 11.25
N VAL A 142 4.93 -9.99 12.11
CA VAL A 142 4.01 -10.93 12.75
C VAL A 142 2.60 -10.63 12.23
N ILE A 143 1.93 -11.64 11.71
CA ILE A 143 0.58 -11.52 11.16
C ILE A 143 -0.32 -12.50 11.89
N THR A 144 -1.35 -12.00 12.54
CA THR A 144 -2.36 -12.84 13.17
C THR A 144 -3.66 -12.74 12.38
N VAL A 145 -4.29 -13.89 12.17
CA VAL A 145 -5.57 -13.98 11.46
C VAL A 145 -6.32 -15.21 11.95
N ASN A 146 -7.53 -15.00 12.44
CA ASN A 146 -8.38 -16.03 13.07
C ASN A 146 -7.56 -16.99 13.92
N ASP A 147 -6.92 -16.44 14.95
CA ASP A 147 -6.16 -17.21 15.94
C ASP A 147 -5.07 -18.05 15.26
N GLN A 148 -4.36 -17.44 14.33
CA GLN A 148 -3.22 -18.08 13.68
C GLN A 148 -2.12 -17.04 13.52
N THR A 149 -0.97 -17.29 14.14
CA THR A 149 0.14 -16.35 14.14
C THR A 149 1.23 -16.84 13.19
N PHE A 150 1.66 -15.96 12.30
CA PHE A 150 2.72 -16.23 11.34
C PHE A 150 3.84 -15.23 11.52
N THR A 151 5.08 -15.70 11.38
CA THR A 151 6.26 -14.87 11.54
C THR A 151 7.10 -14.93 10.27
N PHE A 152 7.56 -13.76 9.82
CA PHE A 152 8.35 -13.63 8.61
C PHE A 152 9.59 -12.80 8.90
N SER A 153 10.73 -13.21 8.37
CA SER A 153 12.01 -12.59 8.70
C SER A 153 12.68 -11.95 7.50
N ASP A 154 13.03 -12.72 6.48
CA ASP A 154 13.80 -12.22 5.34
C ASP A 154 13.13 -12.66 4.03
N LEU A 155 12.27 -11.78 3.50
CA LEU A 155 11.64 -11.99 2.20
C LEU A 155 12.08 -10.87 1.27
N LEU A 156 12.47 -11.23 0.04
CA LEU A 156 12.85 -10.23 -0.95
C LEU A 156 11.64 -9.41 -1.34
N VAL A 157 11.74 -8.09 -1.20
CA VAL A 157 10.57 -7.22 -1.35
C VAL A 157 10.09 -7.22 -2.80
N ASN A 158 11.00 -7.08 -3.75
CA ASN A 158 10.64 -6.91 -5.15
C ASN A 158 10.57 -8.23 -5.93
N GLU A 159 10.75 -9.35 -5.24
CA GLU A 159 10.58 -10.67 -5.90
C GLU A 159 9.55 -11.45 -5.09
N PHE A 160 8.44 -11.82 -5.70
CA PHE A 160 7.35 -12.50 -4.96
C PHE A 160 7.79 -13.95 -4.77
N ASP A 161 8.79 -14.14 -3.91
CA ASP A 161 9.35 -15.49 -3.70
C ASP A 161 8.30 -16.40 -3.10
N GLU A 162 8.56 -17.70 -3.11
CA GLU A 162 7.53 -18.65 -2.63
C GLU A 162 7.81 -19.13 -1.21
N ASP A 163 6.79 -19.16 -0.37
CA ASP A 163 6.85 -19.72 0.97
C ASP A 163 5.43 -20.00 1.45
N VAL A 164 5.32 -20.95 2.38
CA VAL A 164 4.05 -21.60 2.64
C VAL A 164 3.13 -20.78 3.53
N ASP A 165 3.67 -19.92 4.40
CA ASP A 165 2.81 -19.15 5.30
C ASP A 165 2.04 -18.08 4.54
N VAL A 166 2.71 -17.39 3.60
CA VAL A 166 2.01 -16.43 2.77
C VAL A 166 0.92 -17.12 1.97
N ALA A 167 1.16 -18.35 1.54
CA ALA A 167 0.14 -19.10 0.82
C ALA A 167 -1.05 -19.43 1.73
N GLU A 168 -0.78 -19.84 2.97
CA GLU A 168 -1.87 -20.16 3.90
C GLU A 168 -2.73 -18.93 4.18
N ILE A 169 -2.10 -17.76 4.35
CA ILE A 169 -2.88 -16.54 4.57
C ILE A 169 -3.63 -16.15 3.30
N ALA A 170 -2.96 -16.26 2.15
CA ALA A 170 -3.53 -15.83 0.89
C ALA A 170 -4.73 -16.69 0.49
N ASP A 171 -4.80 -17.93 0.96
CA ASP A 171 -5.96 -18.75 0.61
C ASP A 171 -7.23 -18.24 1.27
N MET A 172 -7.14 -17.83 2.55
CA MET A 172 -8.27 -17.17 3.19
C MET A 172 -8.59 -15.84 2.52
N VAL A 173 -7.55 -15.05 2.21
CA VAL A 173 -7.79 -13.76 1.58
C VAL A 173 -8.48 -13.96 0.22
N ALA A 174 -8.04 -14.95 -0.55
CA ALA A 174 -8.64 -15.22 -1.85
C ALA A 174 -10.06 -15.76 -1.71
N GLY A 175 -10.33 -16.55 -0.67
CA GLY A 175 -11.69 -16.99 -0.43
C GLY A 175 -12.62 -15.82 -0.17
N VAL A 176 -12.12 -14.79 0.50
CA VAL A 176 -12.95 -13.60 0.72
C VAL A 176 -13.07 -12.77 -0.56
N LEU A 177 -11.94 -12.51 -1.21
CA LEU A 177 -11.94 -11.63 -2.38
C LEU A 177 -12.75 -12.20 -3.54
N SER A 178 -12.74 -13.52 -3.72
CA SER A 178 -13.53 -14.18 -4.75
C SER A 178 -14.87 -14.67 -4.21
N GLY A 179 -15.36 -14.07 -3.14
CA GLY A 179 -16.62 -14.49 -2.55
C GLY A 179 -17.29 -13.41 -1.72
N GLU A 180 -17.70 -13.77 -0.51
CA GLU A 180 -18.46 -12.90 0.36
C GLU A 180 -17.79 -12.81 1.73
N GLY A 181 -18.16 -11.79 2.49
CA GLY A 181 -17.65 -11.63 3.83
C GLY A 181 -16.39 -10.78 3.87
N PHE A 182 -15.61 -11.00 4.93
CA PHE A 182 -14.42 -10.20 5.17
C PHE A 182 -13.48 -10.99 6.05
N VAL A 183 -12.22 -10.55 6.07
CA VAL A 183 -11.21 -11.16 6.93
C VAL A 183 -10.19 -10.08 7.30
N THR A 184 -9.76 -10.11 8.56
CA THR A 184 -8.87 -9.08 9.09
C THR A 184 -7.52 -9.69 9.46
N LEU A 185 -6.45 -9.08 8.96
CA LEU A 185 -5.09 -9.41 9.36
C LEU A 185 -4.58 -8.35 10.31
N LYS A 186 -4.09 -8.78 11.47
CA LYS A 186 -3.44 -7.89 12.43
C LYS A 186 -1.92 -8.00 12.23
N VAL A 187 -1.30 -6.88 11.87
CA VAL A 187 0.09 -6.84 11.42
C VAL A 187 0.92 -6.04 12.41
N GLU A 188 2.09 -6.58 12.74
CA GLU A 188 3.12 -5.89 13.51
C GLU A 188 4.45 -6.03 12.79
N HIS A 189 5.16 -4.92 12.63
CA HIS A 189 6.51 -4.90 12.08
C HIS A 189 7.50 -4.45 13.16
N TYR A 190 8.60 -5.18 13.30
CA TYR A 190 9.66 -4.86 14.25
C TYR A 190 10.93 -4.60 13.46
N MET A 191 11.51 -3.41 13.64
CA MET A 191 12.74 -3.01 12.99
C MET A 191 13.78 -2.73 14.07
N LEU A 192 14.85 -3.52 14.11
CA LEU A 192 15.95 -3.29 15.04
C LEU A 192 16.81 -2.16 14.49
N LEU A 193 16.52 -0.94 14.93
CA LEU A 193 17.16 0.26 14.37
C LEU A 193 18.26 0.81 15.25
N GLY A 194 18.17 0.66 16.55
CA GLY A 194 19.16 1.24 17.44
C GLY A 194 18.56 2.36 18.27
N GLU A 195 19.09 2.53 19.48
CA GLU A 195 18.55 3.51 20.42
C GLU A 195 18.66 4.92 19.84
N GLY A 196 17.59 5.69 20.01
CA GLY A 196 17.53 7.07 19.55
C GLY A 196 17.32 7.25 18.06
N SER A 197 17.21 6.17 17.29
CA SER A 197 17.15 6.28 15.84
C SER A 197 15.93 7.08 15.40
N GLU A 198 16.12 7.89 14.38
CA GLU A 198 15.01 8.59 13.74
C GLU A 198 14.09 7.58 13.05
N VAL A 199 12.79 7.84 13.14
CA VAL A 199 11.80 7.03 12.43
C VAL A 199 11.02 7.97 11.52
N PHE A 200 10.37 7.40 10.51
CA PHE A 200 9.79 8.16 9.41
C PHE A 200 8.30 7.90 9.28
N PRO A 201 7.47 8.68 9.98
CA PRO A 201 6.02 8.62 9.75
C PRO A 201 5.66 9.19 8.38
N SER A 202 4.39 9.12 8.02
CA SER A 202 3.94 9.71 6.76
C SER A 202 4.14 11.21 6.77
N GLN A 203 4.59 11.74 5.64
CA GLN A 203 4.73 13.19 5.46
C GLN A 203 3.43 13.79 4.97
N GLU A 204 3.14 15.00 5.43
CA GLU A 204 1.98 15.75 4.96
C GLU A 204 2.43 17.08 4.38
N PHE A 205 1.66 17.58 3.41
CA PHE A 205 2.07 18.74 2.62
C PHE A 205 0.96 19.78 2.67
N VAL A 206 1.14 20.82 3.48
CA VAL A 206 0.20 21.93 3.55
C VAL A 206 0.91 23.23 3.18
N LYS A 210 3.26 27.33 7.34
CA LYS A 210 3.71 27.35 8.73
C LYS A 210 4.88 26.38 8.92
N LEU A 211 4.58 25.09 9.02
CA LEU A 211 5.60 24.06 9.11
C LEU A 211 6.17 23.77 7.73
N SER A 212 7.49 23.80 7.61
CA SER A 212 8.14 23.46 6.34
C SER A 212 8.26 21.96 6.12
N LYS A 213 7.91 21.14 7.12
CA LYS A 213 7.86 19.69 6.96
C LYS A 213 6.98 19.14 8.07
N GLN A 214 5.87 18.51 7.68
CA GLN A 214 4.90 18.00 8.63
C GLN A 214 4.86 16.48 8.59
N LEU A 215 4.58 15.88 9.74
CA LEU A 215 4.49 14.44 9.88
C LEU A 215 3.10 14.07 10.39
N PHE A 216 2.59 12.94 9.90
CA PHE A 216 1.28 12.46 10.33
C PHE A 216 1.32 12.03 11.79
N ASP A 217 0.34 12.47 12.56
CA ASP A 217 0.24 12.10 13.97
C ASP A 217 -1.20 11.75 14.30
N LEU A 218 -1.37 10.74 15.16
CA LEU A 218 -2.67 10.37 15.71
C LEU A 218 -2.61 10.70 17.20
N ASN A 219 -3.29 11.77 17.60
CA ASN A 219 -3.28 12.24 18.99
C ASN A 219 -1.85 12.51 19.47
N GLY A 220 -1.03 13.05 18.57
CA GLY A 220 0.36 13.33 18.86
C GLY A 220 1.33 12.18 18.65
N GLN A 221 0.83 10.97 18.40
CA GLN A 221 1.70 9.81 18.21
C GLN A 221 2.02 9.64 16.73
N ALA A 222 3.30 9.39 16.44
CA ALA A 222 3.74 9.14 15.07
C ALA A 222 2.92 8.03 14.42
N ALA A 223 2.50 8.26 13.18
CA ALA A 223 1.58 7.36 12.50
C ALA A 223 1.87 7.35 11.01
N MET A 224 1.33 6.35 10.32
CA MET A 224 1.42 6.22 8.88
C MET A 224 0.02 6.24 8.27
N HIS A 225 -0.13 6.94 7.15
CA HIS A 225 -1.43 7.04 6.49
C HIS A 225 -1.93 5.67 6.04
N ASP A 226 -3.23 5.46 6.18
CA ASP A 226 -3.82 4.21 5.71
C ASP A 226 -3.66 4.05 4.20
N GLN A 227 -3.77 5.16 3.45
CA GLN A 227 -3.73 5.05 1.99
C GLN A 227 -2.31 4.77 1.49
N LYS A 228 -1.27 5.16 2.25
CA LYS A 228 0.09 4.79 1.87
C LYS A 228 0.33 3.31 2.08
N ILE A 229 -0.20 2.76 3.18
CA ILE A 229 -0.13 1.32 3.40
C ILE A 229 -0.89 0.58 2.31
N GLY A 230 -2.04 1.11 1.91
CA GLY A 230 -2.78 0.50 0.82
C GLY A 230 -2.02 0.53 -0.49
N ASN A 231 -1.36 1.65 -0.79
CA ASN A 231 -0.51 1.73 -1.97
C ASN A 231 0.60 0.70 -1.93
N ALA A 232 1.18 0.48 -0.75
CA ALA A 232 2.21 -0.56 -0.62
C ALA A 232 1.62 -1.95 -0.85
N ILE A 233 0.38 -2.17 -0.41
CA ILE A 233 -0.23 -3.49 -0.55
C ILE A 233 -0.49 -3.81 -2.02
N ARG A 234 -1.00 -2.83 -2.78
CA ARG A 234 -1.37 -3.06 -4.17
C ARG A 234 -0.21 -2.93 -5.14
N THR A 235 1.04 -2.89 -4.65
CA THR A 235 2.22 -2.83 -5.52
C THR A 235 2.49 -4.25 -6.03
N ILE A 236 1.63 -4.69 -6.95
CA ILE A 236 1.65 -6.05 -7.45
C ILE A 236 1.72 -6.12 -8.97
N ASP A 237 1.67 -4.98 -9.67
CA ASP A 237 1.55 -4.95 -11.12
C ASP A 237 2.93 -5.18 -11.74
N THR A 238 3.16 -6.39 -12.25
CA THR A 238 4.36 -6.73 -12.99
C THR A 238 4.03 -7.15 -14.42
N TRP A 239 2.91 -6.64 -14.95
CA TRP A 239 2.40 -7.09 -16.24
C TRP A 239 2.32 -5.97 -17.27
N TYR A 240 2.86 -4.79 -16.98
CA TYR A 240 2.84 -3.70 -17.94
C TYR A 240 3.93 -3.92 -18.99
N GLU A 241 3.98 -3.03 -19.99
CA GLU A 241 5.02 -3.11 -21.01
C GLU A 241 6.39 -2.96 -20.39
N ASP A 242 7.31 -3.85 -20.77
CA ASP A 242 8.71 -3.79 -20.34
C ASP A 242 8.83 -3.77 -18.82
N ALA A 243 8.15 -4.74 -18.19
CA ALA A 243 8.05 -4.78 -16.74
C ALA A 243 9.34 -5.25 -16.10
N THR A 244 9.75 -4.56 -15.04
CA THR A 244 10.93 -4.94 -14.27
C THR A 244 10.58 -5.06 -12.79
N THR A 245 10.26 -3.95 -12.16
CA THR A 245 9.84 -3.97 -10.78
C THR A 245 8.34 -3.79 -10.66
N PRO A 246 7.70 -4.37 -9.65
CA PRO A 246 6.25 -4.17 -9.47
C PRO A 246 5.93 -2.71 -9.19
N ILE A 247 4.76 -2.30 -9.68
CA ILE A 247 4.24 -0.95 -9.44
C ILE A 247 2.83 -1.07 -8.86
N ALA A 248 2.40 0.01 -8.20
CA ALA A 248 1.07 0.02 -7.61
C ALA A 248 0.01 -0.05 -8.69
N VAL A 249 -1.05 -0.81 -8.42
CA VAL A 249 -2.14 -0.96 -9.38
C VAL A 249 -2.86 0.36 -9.52
N GLU A 250 -2.91 0.90 -10.75
CA GLU A 250 -3.48 2.20 -11.03
C GLU A 250 -4.08 2.11 -12.43
N PRO A 251 -5.22 2.76 -12.67
CA PRO A 251 -5.85 2.67 -14.01
C PRO A 251 -4.91 2.88 -15.17
N TYR A 252 -4.01 3.87 -15.11
CA TYR A 252 -3.03 4.09 -16.15
C TYR A 252 -1.63 3.64 -15.75
N GLY A 253 -1.50 2.91 -14.64
CA GLY A 253 -0.20 2.43 -14.21
C GLY A 253 0.79 3.53 -13.91
N SER A 254 0.32 4.69 -13.45
CA SER A 254 1.18 5.83 -13.23
C SER A 254 1.67 5.87 -11.78
N VAL A 255 2.90 6.33 -11.61
CA VAL A 255 3.52 6.47 -10.30
C VAL A 255 3.65 7.95 -9.98
N VAL A 256 3.68 8.26 -8.68
CA VAL A 256 3.72 9.66 -8.26
C VAL A 256 5.14 10.08 -7.90
N ARG A 257 5.97 9.12 -7.48
CA ARG A 257 7.34 9.44 -7.08
C ARG A 257 8.14 10.01 -8.24
N ASN A 258 8.29 9.24 -9.32
CA ASN A 258 9.04 9.70 -10.48
C ASN A 258 8.14 10.15 -11.63
N GLY A 259 6.83 10.04 -11.48
CA GLY A 259 5.89 10.64 -12.42
C GLY A 259 5.94 10.07 -13.82
N VAL A 260 5.56 8.79 -13.96
CA VAL A 260 5.53 8.12 -15.25
C VAL A 260 4.30 7.21 -15.29
N ALA A 261 3.69 7.10 -16.48
CA ALA A 261 2.51 6.26 -16.69
C ALA A 261 2.92 5.06 -17.55
N TYR A 262 3.11 3.91 -16.91
CA TYR A 262 3.58 2.72 -17.59
C TYR A 262 2.48 1.99 -18.36
N ARG A 263 1.24 2.49 -18.33
CA ARG A 263 0.12 1.84 -18.99
C ARG A 263 -0.71 2.83 -19.80
N ALA A 264 -0.08 3.89 -20.29
CA ALA A 264 -0.77 4.94 -21.02
C ALA A 264 -0.32 4.95 -22.48
N GLY A 265 -1.27 5.08 -23.38
CA GLY A 265 -0.94 5.13 -24.80
C GLY A 265 -0.39 3.84 -25.36
N ASN A 266 -0.93 2.69 -24.93
CA ASN A 266 -0.47 1.42 -25.50
C ASN A 266 -1.53 0.33 -25.41
N LYS A 267 -2.81 0.67 -25.23
CA LYS A 267 -3.90 -0.29 -25.18
C LYS A 267 -3.78 -1.25 -23.99
N THR A 268 -3.13 -0.81 -22.92
CA THR A 268 -2.98 -1.62 -21.72
C THR A 268 -3.51 -0.93 -20.46
N ASP A 269 -4.19 0.20 -20.60
CA ASP A 269 -4.76 0.86 -19.44
C ASP A 269 -6.00 0.11 -18.96
N LEU A 270 -6.54 0.56 -17.82
CA LEU A 270 -7.68 -0.13 -17.21
C LEU A 270 -8.93 0.00 -18.06
N PHE A 271 -9.16 1.17 -18.67
CA PHE A 271 -10.43 1.41 -19.33
C PHE A 271 -10.51 0.67 -20.67
N THR A 272 -9.40 0.57 -21.40
CA THR A 272 -9.38 -0.20 -22.63
C THR A 272 -9.69 -1.67 -22.35
N LEU A 273 -8.99 -2.27 -21.38
CA LEU A 273 -9.25 -3.66 -21.02
C LEU A 273 -10.66 -3.83 -20.46
N MET A 274 -11.19 -2.80 -19.79
CA MET A 274 -12.55 -2.84 -19.28
C MET A 274 -13.56 -2.95 -20.42
N ASP A 275 -13.47 -2.02 -21.38
CA ASP A 275 -14.36 -2.07 -22.55
C ASP A 275 -14.21 -3.38 -23.30
N GLY A 276 -12.97 -3.86 -23.46
CA GLY A 276 -12.77 -5.12 -24.16
C GLY A 276 -13.37 -6.30 -23.43
N ALA A 277 -13.23 -6.34 -22.11
CA ALA A 277 -13.86 -7.38 -21.30
C ALA A 277 -15.36 -7.36 -21.51
N VAL A 278 -15.97 -6.17 -21.53
CA VAL A 278 -17.41 -6.09 -21.68
C VAL A 278 -17.84 -6.54 -23.09
N ASN A 279 -17.07 -6.15 -24.10
CA ASN A 279 -17.42 -6.41 -25.49
C ASN A 279 -16.90 -7.76 -26.00
N GLY A 280 -16.49 -8.66 -25.10
CA GLY A 280 -16.13 -10.00 -25.51
C GLY A 280 -14.75 -10.18 -26.09
N LYS A 281 -13.80 -9.31 -25.75
CA LYS A 281 -12.45 -9.43 -26.25
C LYS A 281 -11.66 -10.43 -25.41
N SER A 282 -10.82 -11.23 -26.07
CA SER A 282 -10.01 -12.22 -25.37
C SER A 282 -9.05 -11.54 -24.39
N LEU A 283 -9.09 -11.97 -23.14
CA LEU A 283 -8.29 -11.38 -22.07
C LEU A 283 -7.34 -12.41 -21.48
N THR A 284 -6.12 -12.00 -21.31
CA THR A 284 -5.07 -12.77 -20.71
C THR A 284 -5.22 -12.93 -19.22
N GLU A 285 -4.55 -13.92 -18.66
CA GLU A 285 -4.59 -14.15 -17.24
C GLU A 285 -4.10 -12.88 -16.51
N GLU A 286 -3.08 -12.24 -17.02
CA GLU A 286 -2.56 -11.03 -16.43
C GLU A 286 -3.49 -9.83 -16.42
N ASP A 287 -4.15 -9.52 -17.52
CA ASP A 287 -5.03 -8.36 -17.58
C ASP A 287 -6.36 -8.61 -16.88
N GLN A 288 -6.78 -9.87 -16.79
CA GLN A 288 -7.88 -10.20 -15.88
C GLN A 288 -7.51 -9.85 -14.45
N MET A 289 -6.32 -10.26 -14.02
CA MET A 289 -5.86 -9.91 -12.68
C MET A 289 -5.79 -8.39 -12.50
N PHE A 290 -5.31 -7.68 -13.54
CA PHE A 290 -5.15 -6.24 -13.45
C PHE A 290 -6.49 -5.53 -13.33
N VAL A 291 -7.48 -5.94 -14.13
CA VAL A 291 -8.80 -5.32 -14.07
C VAL A 291 -9.45 -5.60 -12.73
N THR A 292 -9.38 -6.86 -12.27
CA THR A 292 -9.95 -7.18 -10.96
C THR A 292 -9.24 -6.41 -9.84
N ALA A 293 -7.94 -6.18 -9.97
CA ALA A 293 -7.23 -5.42 -8.94
C ALA A 293 -7.65 -3.96 -8.95
N ASN A 294 -7.91 -3.39 -10.12
CA ASN A 294 -8.43 -2.03 -10.16
C ASN A 294 -9.84 -1.95 -9.59
N LEU A 295 -10.65 -2.99 -9.79
CA LEU A 295 -11.96 -3.02 -9.13
C LEU A 295 -11.80 -3.13 -7.62
N ILE A 296 -10.77 -3.84 -7.15
CA ILE A 296 -10.53 -3.98 -5.73
C ILE A 296 -10.09 -2.65 -5.13
N ARG A 297 -9.25 -1.90 -5.86
CA ARG A 297 -8.79 -0.60 -5.38
C ARG A 297 -9.93 0.41 -5.31
N GLY A 298 -10.94 0.26 -6.15
CA GLY A 298 -12.05 1.20 -6.19
C GLY A 298 -11.75 2.45 -6.99
N GLY A 299 -12.80 3.17 -7.33
CA GLY A 299 -12.64 4.44 -8.02
C GLY A 299 -13.84 4.73 -8.90
N VAL A 300 -13.72 5.84 -9.64
CA VAL A 300 -14.74 6.29 -10.57
C VAL A 300 -14.32 5.90 -11.98
N PHE A 301 -15.12 5.06 -12.63
CA PHE A 301 -14.80 4.54 -13.95
C PHE A 301 -15.93 4.91 -14.91
N GLY A 302 -16.07 6.20 -15.20
CA GLY A 302 -17.09 6.65 -16.12
C GLY A 302 -17.08 8.16 -16.23
N GLY A 303 -18.10 8.68 -16.91
CA GLY A 303 -18.26 10.11 -17.08
C GLY A 303 -17.72 10.62 -18.41
#